data_4Y22
#
_entry.id   4Y22
#
_cell.length_a   44.410
_cell.length_b   58.184
_cell.length_c   112.763
_cell.angle_alpha   90.000
_cell.angle_beta   90.000
_cell.angle_gamma   90.000
#
_symmetry.space_group_name_H-M   'P 21 21 21'
#
loop_
_entity.id
_entity.type
_entity.pdbx_description
1 polymer Galectin-1
2 polymer Galectin-1
3 branched '3-O-sulfo-beta-D-galactopyranose-(1-3)-methyl 2-acetamido-2-deoxy-beta-D-glucopyranoside'
4 water water
#
loop_
_entity_poly.entity_id
_entity_poly.type
_entity_poly.pdbx_seq_one_letter_code
_entity_poly.pdbx_strand_id
1 'polypeptide(L)'
;MGSSHHHHHHSSGLVPRGSHMCGLVASNLNLKPGECLRVRGEVAPDAKSFVLNLGKDSNNLCLHFNPRFNAHGDANTIVC
NSKDGGAWGTEQREAVFPFQPGSVAEV(CSO)ITFDQANLTVKLPDGYEFKFPNRLNLEAINYMAADGDFKIK(CSO)VA
FD
;
A
2 'polypeptide(L)'
;MGSSHHHHHHSSGLVPRGSHMCGLVASNLNLKPGE(CSO)LRVRGEVAPDAKSFVLNLGKDSNNLCLHFNPRFNAHGDAN
TIVCNSKDGGAWGTEQREAVFPFQPGSVAEVCITFDQANLTVKLPDGYEFKFPNRLNLEAINYMAADGDFKIK(CSO)VA
FD
;
B
#
# COMPACT_ATOMS: atom_id res chain seq x y z
N CYS A 22 -5.03 -2.09 -14.72
CA CYS A 22 -4.74 -2.27 -13.31
C CYS A 22 -3.94 -1.12 -12.74
N GLY A 23 -4.30 -0.69 -11.54
CA GLY A 23 -3.58 0.36 -10.84
C GLY A 23 -2.88 -0.19 -9.61
N LEU A 24 -2.81 0.61 -8.55
CA LEU A 24 -2.15 0.19 -7.33
C LEU A 24 -2.87 -0.97 -6.66
N VAL A 25 -2.14 -2.07 -6.43
CA VAL A 25 -2.70 -3.25 -5.81
C VAL A 25 -1.95 -3.60 -4.53
N ALA A 26 -2.70 -3.89 -3.47
CA ALA A 26 -2.09 -4.21 -2.17
C ALA A 26 -2.60 -5.54 -1.61
N SER A 27 -1.68 -6.36 -1.13
CA SER A 27 -2.02 -7.67 -0.57
C SER A 27 -1.58 -7.79 0.88
N ASN A 28 -2.12 -8.80 1.56
CA ASN A 28 -1.81 -9.08 2.96
C ASN A 28 -2.07 -7.89 3.89
N LEU A 29 -3.15 -7.15 3.62
CA LEU A 29 -3.50 -6.01 4.45
C LEU A 29 -3.83 -6.42 5.87
N ASN A 30 -4.49 -7.58 6.00
CA ASN A 30 -4.91 -8.10 7.30
C ASN A 30 -5.73 -7.09 8.10
N LEU A 31 -6.74 -6.51 7.47
CA LEU A 31 -7.59 -5.55 8.14
C LEU A 31 -8.74 -6.24 8.87
N LYS A 32 -8.70 -6.18 10.21
CA LYS A 32 -9.71 -6.82 11.03
C LYS A 32 -10.92 -5.89 11.24
N PRO A 33 -12.07 -6.47 11.61
CA PRO A 33 -13.26 -5.65 11.87
C PRO A 33 -13.02 -4.57 12.91
N GLY A 34 -13.46 -3.34 12.63
CA GLY A 34 -13.28 -2.23 13.53
C GLY A 34 -11.95 -1.52 13.37
N GLU A 35 -11.26 -1.81 12.27
CA GLU A 35 -10.00 -1.15 11.96
C GLU A 35 -10.13 -0.33 10.69
N CYS A 36 -9.58 0.87 10.69
CA CYS A 36 -9.83 1.81 9.60
C CYS A 36 -8.82 1.70 8.46
N LEU A 37 -9.34 1.78 7.24
CA LEU A 37 -8.50 1.88 6.05
C LEU A 37 -8.69 3.24 5.39
N ARG A 38 -7.68 4.09 5.51
CA ARG A 38 -7.74 5.43 4.95
C ARG A 38 -7.00 5.54 3.63
N VAL A 39 -7.70 5.95 2.58
CA VAL A 39 -7.09 6.15 1.29
C VAL A 39 -7.27 7.59 0.83
N ARG A 40 -6.17 8.32 0.68
CA ARG A 40 -6.23 9.68 0.19
C ARG A 40 -5.59 9.77 -1.19
N GLY A 41 -6.29 10.40 -2.12
CA GLY A 41 -5.81 10.50 -3.50
C GLY A 41 -6.29 11.73 -4.24
N GLU A 42 -5.82 11.86 -5.48
CA GLU A 42 -6.16 13.00 -6.32
C GLU A 42 -7.13 12.60 -7.43
N VAL A 43 -8.32 13.20 -7.42
CA VAL A 43 -9.29 12.98 -8.48
C VAL A 43 -8.90 13.81 -9.70
N ALA A 44 -8.74 13.15 -10.85
CA ALA A 44 -8.31 13.81 -12.08
C ALA A 44 -9.28 14.93 -12.48
N PRO A 45 -8.73 15.99 -13.11
CA PRO A 45 -9.55 17.11 -13.58
C PRO A 45 -10.62 16.67 -14.58
N ASP A 46 -10.31 15.64 -15.37
CA ASP A 46 -11.25 15.12 -16.35
C ASP A 46 -11.68 13.70 -15.99
N ALA A 47 -11.76 13.43 -14.69
CA ALA A 47 -12.05 12.08 -14.18
C ALA A 47 -13.39 11.56 -14.70
N LYS A 48 -13.38 10.36 -15.24
CA LYS A 48 -14.61 9.73 -15.70
C LYS A 48 -15.13 8.76 -14.63
N SER A 49 -14.23 8.01 -14.03
CA SER A 49 -14.55 7.13 -12.89
C SER A 49 -13.29 6.56 -12.27
N PHE A 50 -13.41 6.05 -11.04
CA PHE A 50 -12.35 5.26 -10.45
C PHE A 50 -12.94 4.16 -9.55
N VAL A 51 -12.09 3.20 -9.18
CA VAL A 51 -12.55 2.03 -8.45
C VAL A 51 -11.66 1.70 -7.26
N LEU A 52 -12.29 1.38 -6.14
CA LEU A 52 -11.60 0.83 -4.99
C LEU A 52 -12.16 -0.56 -4.66
N ASN A 53 -11.34 -1.58 -4.83
CA ASN A 53 -11.77 -2.95 -4.61
C ASN A 53 -11.22 -3.53 -3.31
N LEU A 54 -12.12 -3.99 -2.45
CA LEU A 54 -11.72 -4.56 -1.17
C LEU A 54 -12.25 -5.97 -1.01
N GLY A 55 -11.43 -6.87 -0.50
CA GLY A 55 -11.84 -8.25 -0.29
C GLY A 55 -10.68 -9.20 -0.05
N LYS A 56 -10.83 -10.43 -0.55
CA LYS A 56 -9.83 -11.47 -0.40
C LYS A 56 -8.88 -11.50 -1.59
N ASP A 57 -9.45 -11.38 -2.79
CA ASP A 57 -8.67 -11.32 -4.03
C ASP A 57 -9.53 -10.71 -5.13
N SER A 58 -9.05 -10.75 -6.37
CA SER A 58 -9.79 -10.15 -7.48
C SER A 58 -11.12 -10.85 -7.73
N ASN A 59 -11.23 -12.11 -7.34
CA ASN A 59 -12.45 -12.89 -7.54
C ASN A 59 -13.40 -12.78 -6.36
N ASN A 60 -12.89 -12.34 -5.22
CA ASN A 60 -13.69 -12.23 -4.02
C ASN A 60 -13.63 -10.85 -3.38
N LEU A 61 -14.59 -10.01 -3.71
CA LEU A 61 -14.63 -8.64 -3.23
C LEU A 61 -15.83 -8.40 -2.30
N CYS A 62 -15.54 -7.96 -1.08
CA CYS A 62 -16.60 -7.60 -0.14
C CYS A 62 -17.11 -6.19 -0.42
N LEU A 63 -16.32 -5.41 -1.15
CA LEU A 63 -16.74 -4.08 -1.56
C LEU A 63 -16.12 -3.63 -2.86
N HIS A 64 -16.96 -3.35 -3.85
CA HIS A 64 -16.55 -2.73 -5.10
C HIS A 64 -17.03 -1.29 -5.11
N PHE A 65 -16.14 -0.37 -4.77
CA PHE A 65 -16.48 1.04 -4.65
C PHE A 65 -16.16 1.81 -5.91
N ASN A 66 -17.18 2.21 -6.66
CA ASN A 66 -16.98 2.82 -7.96
C ASN A 66 -17.79 4.10 -8.17
N PRO A 67 -17.20 5.26 -7.83
CA PRO A 67 -17.80 6.56 -8.17
C PRO A 67 -17.74 6.82 -9.66
N ARG A 68 -18.89 7.03 -10.29
CA ARG A 68 -18.94 7.28 -11.72
C ARG A 68 -19.28 8.72 -12.04
N PHE A 69 -18.27 9.47 -12.49
CA PHE A 69 -18.45 10.85 -12.91
C PHE A 69 -19.10 10.89 -14.28
N ASN A 70 -18.51 10.14 -15.22
CA ASN A 70 -19.05 10.00 -16.56
C ASN A 70 -18.63 8.65 -17.14
N ALA A 71 -19.25 7.58 -16.65
CA ALA A 71 -18.93 6.24 -17.10
C ALA A 71 -20.17 5.37 -17.15
N HIS A 72 -20.26 4.54 -18.18
CA HIS A 72 -21.36 3.60 -18.37
C HIS A 72 -22.73 4.28 -18.38
N GLY A 73 -22.78 5.51 -18.87
CA GLY A 73 -24.04 6.24 -18.97
C GLY A 73 -24.45 6.90 -17.67
N ASP A 74 -23.72 6.61 -16.60
CA ASP A 74 -24.02 7.17 -15.29
C ASP A 74 -23.23 8.46 -15.07
N ALA A 75 -23.79 9.35 -14.26
CA ALA A 75 -23.13 10.62 -13.96
C ALA A 75 -23.35 11.01 -12.51
N ASN A 76 -22.24 11.27 -11.81
CA ASN A 76 -22.28 11.63 -10.40
C ASN A 76 -23.05 10.61 -9.58
N THR A 77 -22.68 9.35 -9.73
CA THR A 77 -23.33 8.26 -9.03
C THR A 77 -22.30 7.29 -8.47
N ILE A 78 -22.39 7.01 -7.16
CA ILE A 78 -21.50 6.05 -6.53
C ILE A 78 -22.09 4.64 -6.65
N VAL A 79 -21.42 3.80 -7.43
CA VAL A 79 -21.87 2.42 -7.63
C VAL A 79 -21.15 1.46 -6.69
N CYS A 80 -21.91 0.69 -5.93
CA CYS A 80 -21.34 -0.29 -5.01
C CYS A 80 -21.85 -1.69 -5.32
N ASN A 81 -20.96 -2.68 -5.18
CA ASN A 81 -21.34 -4.07 -5.42
C ASN A 81 -20.39 -5.02 -4.70
N SER A 82 -20.69 -6.31 -4.78
CA SER A 82 -19.80 -7.33 -4.26
C SER A 82 -19.45 -8.34 -5.34
N LYS A 83 -18.34 -9.04 -5.16
CA LYS A 83 -17.95 -10.13 -6.05
C LYS A 83 -17.60 -11.36 -5.23
N ASP A 84 -18.32 -12.45 -5.48
CA ASP A 84 -18.13 -13.68 -4.73
C ASP A 84 -17.94 -14.85 -5.68
N GLY A 85 -16.72 -15.40 -5.70
CA GLY A 85 -16.38 -16.47 -6.61
C GLY A 85 -16.38 -16.01 -8.05
N GLY A 86 -16.06 -14.74 -8.27
CA GLY A 86 -16.03 -14.18 -9.60
C GLY A 86 -17.39 -13.72 -10.10
N ALA A 87 -18.41 -13.88 -9.26
CA ALA A 87 -19.77 -13.51 -9.63
C ALA A 87 -20.21 -12.21 -8.95
N TRP A 88 -20.54 -11.20 -9.75
CA TRP A 88 -21.06 -9.94 -9.22
C TRP A 88 -22.38 -10.15 -8.48
N GLY A 89 -22.51 -9.49 -7.33
CA GLY A 89 -23.74 -9.54 -6.58
C GLY A 89 -24.75 -8.56 -7.12
N THR A 90 -25.69 -8.14 -6.29
CA THR A 90 -26.69 -7.17 -6.71
C THR A 90 -26.17 -5.75 -6.49
N GLU A 91 -26.11 -5.00 -7.59
CA GLU A 91 -25.58 -3.64 -7.60
C GLU A 91 -26.42 -2.66 -6.77
N GLN A 92 -25.76 -1.82 -6.00
CA GLN A 92 -26.43 -0.77 -5.23
C GLN A 92 -25.81 0.58 -5.51
N ARG A 93 -26.66 1.57 -5.78
CA ARG A 93 -26.19 2.92 -6.06
C ARG A 93 -26.48 3.86 -4.90
N GLU A 94 -25.63 4.87 -4.74
CA GLU A 94 -25.80 5.85 -3.68
C GLU A 94 -26.28 7.18 -4.30
N ALA A 95 -27.20 7.84 -3.61
CA ALA A 95 -27.81 9.07 -4.14
C ALA A 95 -26.81 10.22 -4.23
N VAL A 96 -26.26 10.63 -3.10
CA VAL A 96 -25.33 11.75 -3.07
C VAL A 96 -24.01 11.42 -3.76
N PHE A 97 -23.25 12.45 -4.09
CA PHE A 97 -21.98 12.29 -4.78
C PHE A 97 -21.01 13.39 -4.37
N PRO A 98 -20.21 13.14 -3.32
CA PRO A 98 -19.32 14.14 -2.73
C PRO A 98 -17.92 14.15 -3.34
N PHE A 99 -17.83 13.89 -4.64
CA PHE A 99 -16.55 13.90 -5.32
C PHE A 99 -16.54 14.94 -6.44
N GLN A 100 -15.54 15.81 -6.43
CA GLN A 100 -15.38 16.79 -7.50
C GLN A 100 -14.06 16.57 -8.22
N PRO A 101 -14.12 16.44 -9.55
CA PRO A 101 -12.92 16.24 -10.37
C PRO A 101 -11.92 17.39 -10.23
N GLY A 102 -10.64 17.06 -10.10
CA GLY A 102 -9.62 18.06 -9.90
C GLY A 102 -9.47 18.43 -8.44
N SER A 103 -9.76 17.49 -7.56
CA SER A 103 -9.66 17.72 -6.13
C SER A 103 -9.09 16.52 -5.38
N VAL A 104 -8.79 16.72 -4.11
CA VAL A 104 -8.29 15.66 -3.26
C VAL A 104 -9.41 15.09 -2.40
N ALA A 105 -9.54 13.76 -2.43
CA ALA A 105 -10.59 13.09 -1.66
C ALA A 105 -10.02 11.97 -0.80
N GLU A 106 -10.61 11.77 0.36
CA GLU A 106 -10.20 10.70 1.26
C GLU A 106 -11.38 9.80 1.61
N VAL A 107 -11.14 8.49 1.66
CA VAL A 107 -12.18 7.54 2.02
C VAL A 107 -11.75 6.69 3.21
N ILE A 109 -12.65 3.45 5.41
CA ILE A 109 -13.45 2.23 5.33
C ILE A 109 -13.16 1.29 6.48
N THR A 110 -14.23 0.87 7.16
CA THR A 110 -14.16 -0.13 8.21
C THR A 110 -15.32 -1.09 8.04
N PHE A 111 -15.33 -2.16 8.82
CA PHE A 111 -16.41 -3.13 8.71
C PHE A 111 -16.58 -3.97 9.96
N ASP A 112 -17.72 -4.64 10.03
CA ASP A 112 -17.96 -5.74 10.95
C ASP A 112 -18.48 -6.89 10.10
N GLN A 113 -19.07 -7.90 10.71
CA GLN A 113 -19.57 -9.00 9.90
C GLN A 113 -21.04 -8.81 9.55
N ALA A 114 -21.47 -7.55 9.54
CA ALA A 114 -22.81 -7.20 9.07
C ALA A 114 -22.72 -6.17 7.96
N ASN A 115 -21.96 -5.10 8.19
CA ASN A 115 -21.87 -4.01 7.22
C ASN A 115 -20.46 -3.47 6.96
N LEU A 116 -20.24 -3.00 5.73
CA LEU A 116 -19.09 -2.18 5.39
C LEU A 116 -19.44 -0.71 5.60
N THR A 117 -18.66 -0.01 6.40
CA THR A 117 -18.90 1.41 6.62
C THR A 117 -17.96 2.26 5.79
N VAL A 118 -18.53 3.11 4.93
CA VAL A 118 -17.74 3.96 4.05
C VAL A 118 -17.94 5.44 4.37
N LYS A 119 -16.87 6.11 4.78
CA LYS A 119 -16.93 7.53 5.12
C LYS A 119 -16.34 8.40 4.02
N LEU A 120 -17.07 9.43 3.64
CA LEU A 120 -16.73 10.25 2.48
C LEU A 120 -16.24 11.64 2.90
N PRO A 121 -15.47 12.33 2.03
CA PRO A 121 -14.74 13.56 2.37
C PRO A 121 -15.54 14.70 3.00
N ASP A 122 -16.87 14.68 2.94
CA ASP A 122 -17.65 15.76 3.53
C ASP A 122 -18.65 15.24 4.55
N GLY A 123 -18.18 14.37 5.43
CA GLY A 123 -18.98 13.89 6.55
C GLY A 123 -20.01 12.85 6.19
N TYR A 124 -20.21 12.61 4.90
CA TYR A 124 -21.20 11.64 4.46
C TYR A 124 -20.76 10.23 4.81
N GLU A 125 -21.73 9.38 5.14
CA GLU A 125 -21.47 8.05 5.66
C GLU A 125 -22.58 7.09 5.27
N PHE A 126 -22.24 6.07 4.50
CA PHE A 126 -23.23 5.07 4.12
C PHE A 126 -22.73 3.65 4.39
N LYS A 127 -23.67 2.72 4.52
CA LYS A 127 -23.32 1.33 4.81
C LYS A 127 -23.58 0.41 3.62
N PHE A 128 -22.76 -0.63 3.50
CA PHE A 128 -22.94 -1.63 2.47
C PHE A 128 -22.87 -3.01 3.12
N PRO A 129 -23.87 -3.85 2.83
CA PRO A 129 -23.98 -5.16 3.48
C PRO A 129 -22.72 -5.98 3.24
N ASN A 130 -22.16 -6.59 4.27
CA ASN A 130 -21.11 -7.56 4.01
C ASN A 130 -21.59 -8.95 3.74
N ARG A 131 -21.54 -9.22 2.44
CA ARG A 131 -22.20 -10.35 1.83
C ARG A 131 -21.22 -11.49 1.53
N LEU A 132 -20.00 -11.35 2.05
CA LEU A 132 -18.98 -12.36 1.91
C LEU A 132 -18.58 -12.89 3.29
N ASN A 133 -18.92 -12.12 4.32
CA ASN A 133 -18.59 -12.44 5.70
C ASN A 133 -17.12 -12.80 5.88
N LEU A 134 -16.25 -11.92 5.40
CA LEU A 134 -14.81 -12.15 5.49
C LEU A 134 -14.31 -11.95 6.91
N GLU A 135 -13.31 -12.74 7.27
CA GLU A 135 -12.70 -12.67 8.59
C GLU A 135 -11.75 -11.47 8.64
N ALA A 136 -11.24 -11.08 7.48
CA ALA A 136 -10.39 -9.90 7.36
C ALA A 136 -10.29 -9.47 5.91
N ILE A 137 -9.95 -8.21 5.70
CA ILE A 137 -9.68 -7.71 4.36
C ILE A 137 -8.18 -7.74 4.09
N ASN A 138 -7.77 -8.53 3.10
CA ASN A 138 -6.36 -8.69 2.79
C ASN A 138 -6.00 -8.21 1.39
N TYR A 139 -6.96 -7.66 0.67
CA TYR A 139 -6.73 -7.28 -0.72
C TYR A 139 -7.38 -5.92 -1.04
N MET A 140 -6.57 -5.00 -1.53
CA MET A 140 -7.07 -3.73 -2.03
C MET A 140 -6.54 -3.45 -3.43
N ALA A 141 -7.42 -3.03 -4.33
CA ALA A 141 -7.04 -2.70 -5.68
C ALA A 141 -7.68 -1.40 -6.13
N ALA A 142 -6.84 -0.43 -6.48
CA ALA A 142 -7.32 0.85 -6.96
C ALA A 142 -7.15 0.94 -8.47
N ASP A 143 -8.10 1.57 -9.14
CA ASP A 143 -8.01 1.78 -10.58
C ASP A 143 -8.83 2.99 -11.00
N GLY A 144 -8.53 3.55 -12.17
CA GLY A 144 -9.26 4.70 -12.67
C GLY A 144 -8.56 6.01 -12.43
N ASP A 145 -9.28 7.11 -12.67
CA ASP A 145 -8.73 8.45 -12.57
C ASP A 145 -8.57 8.90 -11.13
N PHE A 146 -7.70 8.23 -10.38
CA PHE A 146 -7.54 8.50 -8.96
C PHE A 146 -6.16 8.07 -8.45
N LYS A 147 -5.20 8.98 -8.51
CA LYS A 147 -3.84 8.68 -8.07
C LYS A 147 -3.76 8.68 -6.55
N ILE A 148 -3.38 7.53 -5.99
CA ILE A 148 -3.25 7.39 -4.54
C ILE A 148 -2.06 8.18 -4.02
N LYS A 149 -2.24 8.84 -2.88
CA LYS A 149 -1.17 9.62 -2.28
C LYS A 149 -0.76 9.09 -0.92
N VAL A 151 -1.87 5.80 1.97
CA VAL A 151 -2.69 4.69 2.47
C VAL A 151 -2.33 4.41 3.91
N ALA A 152 -3.29 4.55 4.81
CA ALA A 152 -3.05 4.34 6.23
C ALA A 152 -3.89 3.18 6.78
N PHE A 153 -3.44 2.60 7.90
CA PHE A 153 -4.12 1.46 8.49
C PHE A 153 -4.35 1.65 9.99
N ASP A 154 -5.25 2.55 10.34
CA ASP A 154 -5.62 2.74 11.75
C ASP A 154 -6.47 1.58 12.25
N CYS B 22 2.03 -13.15 4.26
CA CYS B 22 3.16 -12.63 5.00
C CYS B 22 2.85 -11.22 5.43
N GLY B 23 3.77 -10.32 5.15
CA GLY B 23 3.60 -8.89 5.40
C GLY B 23 3.04 -8.12 4.21
N LEU B 24 2.82 -6.82 4.38
CA LEU B 24 2.20 -5.99 3.33
C LEU B 24 2.98 -6.00 2.02
N VAL B 25 2.26 -6.27 0.94
CA VAL B 25 2.81 -6.22 -0.42
C VAL B 25 2.03 -5.24 -1.28
N ALA B 26 2.73 -4.34 -1.97
CA ALA B 26 2.07 -3.39 -2.85
C ALA B 26 2.69 -3.43 -4.25
N SER B 27 1.84 -3.33 -5.27
CA SER B 27 2.30 -3.36 -6.65
C SER B 27 1.82 -2.14 -7.44
N ASN B 28 2.40 -1.95 -8.62
CA ASN B 28 2.08 -0.83 -9.51
C ASN B 28 2.23 0.53 -8.83
N LEU B 29 3.31 0.68 -8.07
CA LEU B 29 3.57 1.94 -7.38
C LEU B 29 3.93 3.04 -8.36
N ASN B 30 4.58 2.66 -9.45
CA ASN B 30 4.99 3.58 -10.51
C ASN B 30 5.85 4.72 -9.98
N LEU B 31 6.70 4.40 -9.00
CA LEU B 31 7.55 5.42 -8.38
C LEU B 31 8.72 5.78 -9.29
N LYS B 32 8.75 7.02 -9.75
CA LYS B 32 9.79 7.50 -10.67
C LYS B 32 10.99 8.04 -9.90
N PRO B 33 12.16 8.12 -10.55
CA PRO B 33 13.35 8.65 -9.87
C PRO B 33 13.18 10.10 -9.40
N GLY B 34 13.66 10.38 -8.19
CA GLY B 34 13.53 11.68 -7.60
C GLY B 34 12.30 11.77 -6.71
N GLU B 35 11.47 10.73 -6.77
CA GLU B 35 10.22 10.71 -6.02
C GLU B 35 10.42 10.08 -4.66
N LEU B 37 9.19 7.83 -1.45
CA LEU B 37 8.33 6.79 -0.89
C LEU B 37 8.47 6.78 0.63
N ARG B 38 7.44 7.21 1.32
CA ARG B 38 7.48 7.28 2.78
C ARG B 38 6.67 6.15 3.41
N VAL B 39 7.32 5.41 4.30
CA VAL B 39 6.70 4.29 4.98
C VAL B 39 6.80 4.44 6.49
N ARG B 40 5.65 4.48 7.16
CA ARG B 40 5.63 4.52 8.62
C ARG B 40 5.11 3.21 9.17
N GLY B 41 5.87 2.61 10.08
CA GLY B 41 5.50 1.33 10.65
C GLY B 41 6.00 1.15 12.07
N GLU B 42 5.53 0.10 12.73
CA GLU B 42 5.92 -0.17 14.10
C GLU B 42 6.76 -1.44 14.21
N VAL B 43 7.84 -1.37 14.98
CA VAL B 43 8.73 -2.51 15.17
C VAL B 43 8.26 -3.36 16.35
N ALA B 44 8.36 -4.68 16.20
CA ALA B 44 7.98 -5.60 17.26
C ALA B 44 8.85 -5.42 18.51
N PRO B 45 8.27 -5.63 19.70
CA PRO B 45 9.00 -5.52 20.96
C PRO B 45 10.19 -6.47 21.04
N ASP B 46 9.99 -7.73 20.63
CA ASP B 46 11.06 -8.71 20.62
C ASP B 46 11.46 -9.04 19.18
N ALA B 47 11.88 -8.02 18.45
CA ALA B 47 12.18 -8.15 17.03
C ALA B 47 13.59 -8.67 16.76
N LYS B 48 13.69 -9.55 15.78
CA LYS B 48 14.99 -10.07 15.34
C LYS B 48 15.44 -9.29 14.12
N SER B 49 14.55 -9.23 13.14
CA SER B 49 14.86 -8.69 11.83
C SER B 49 13.58 -8.33 11.09
N PHE B 50 13.59 -7.17 10.46
CA PHE B 50 12.50 -6.80 9.57
C PHE B 50 13.11 -6.32 8.26
N VAL B 51 12.39 -6.51 7.15
CA VAL B 51 12.91 -6.12 5.85
C VAL B 51 11.92 -5.26 5.07
N LEU B 52 12.46 -4.37 4.25
CA LEU B 52 11.66 -3.64 3.28
C LEU B 52 12.25 -3.89 1.89
N ASN B 53 11.48 -4.57 1.05
CA ASN B 53 11.94 -4.89 -0.29
C ASN B 53 11.34 -3.96 -1.33
N LEU B 54 12.18 -3.46 -2.23
CA LEU B 54 11.75 -2.56 -3.29
C LEU B 54 12.31 -3.00 -4.64
N GLY B 55 11.53 -2.85 -5.70
CA GLY B 55 12.00 -3.16 -7.03
C GLY B 55 10.89 -3.34 -8.06
N LYS B 56 11.14 -4.21 -9.03
CA LYS B 56 10.16 -4.50 -10.08
C LYS B 56 9.13 -5.52 -9.58
N ASP B 57 9.63 -6.63 -9.07
CA ASP B 57 8.79 -7.66 -8.45
C ASP B 57 9.57 -8.38 -7.35
N SER B 58 9.06 -9.54 -6.93
CA SER B 58 9.68 -10.27 -5.83
C SER B 58 11.07 -10.82 -6.17
N ASN B 59 11.30 -11.07 -7.45
CA ASN B 59 12.58 -11.64 -7.88
C ASN B 59 13.55 -10.60 -8.42
N ASN B 60 13.11 -9.36 -8.46
CA ASN B 60 13.93 -8.27 -8.94
C ASN B 60 13.91 -7.09 -7.98
N LEU B 61 14.79 -7.15 -6.98
CA LEU B 61 14.84 -6.15 -5.94
C LEU B 61 16.04 -5.22 -6.10
N CYS B 62 15.77 -3.94 -6.32
CA CYS B 62 16.83 -2.95 -6.41
C CYS B 62 17.24 -2.52 -5.02
N LEU B 63 16.43 -2.89 -4.02
CA LEU B 63 16.75 -2.58 -2.64
C LEU B 63 16.14 -3.60 -1.67
N HIS B 64 17.01 -4.36 -1.03
CA HIS B 64 16.62 -5.22 0.08
C HIS B 64 17.13 -4.60 1.38
N PHE B 65 16.26 -3.88 2.06
CA PHE B 65 16.63 -3.17 3.27
C PHE B 65 16.30 -3.99 4.51
N ASN B 66 17.31 -4.60 5.11
CA ASN B 66 17.08 -5.54 6.20
C ASN B 66 17.90 -5.24 7.46
N PRO B 67 17.36 -4.39 8.34
CA PRO B 67 17.92 -4.18 9.68
C PRO B 67 17.84 -5.43 10.53
N ARG B 68 18.99 -5.92 11.00
CA ARG B 68 19.03 -7.13 11.81
C ARG B 68 19.42 -6.84 13.25
N PHE B 69 18.45 -6.92 14.15
CA PHE B 69 18.70 -6.72 15.58
C PHE B 69 19.57 -7.86 16.11
N ASN B 70 19.15 -9.09 15.83
CA ASN B 70 19.99 -10.26 16.00
C ASN B 70 19.45 -11.42 15.19
N ALA B 71 19.86 -11.48 13.93
CA ALA B 71 19.48 -12.56 13.05
C ALA B 71 20.60 -12.88 12.06
N HIS B 72 20.71 -14.17 11.72
CA HIS B 72 21.72 -14.64 10.76
C HIS B 72 23.14 -14.29 11.17
N GLY B 73 23.39 -14.25 12.48
CA GLY B 73 24.73 -13.99 12.99
C GLY B 73 25.09 -12.51 13.08
N ASP B 74 24.14 -11.65 12.73
CA ASP B 74 24.37 -10.21 12.77
C ASP B 74 23.61 -9.57 13.93
N ALA B 75 24.27 -8.66 14.64
CA ALA B 75 23.66 -7.99 15.78
C ALA B 75 23.68 -6.47 15.59
N ASN B 76 22.49 -5.87 15.58
CA ASN B 76 22.34 -4.44 15.36
C ASN B 76 23.08 -3.97 14.13
N THR B 77 22.71 -4.52 12.98
CA THR B 77 23.39 -4.21 11.73
C THR B 77 22.39 -4.16 10.57
N ILE B 78 22.51 -3.11 9.76
CA ILE B 78 21.66 -2.98 8.58
C ILE B 78 22.31 -3.66 7.39
N VAL B 79 21.63 -4.66 6.85
CA VAL B 79 22.13 -5.40 5.71
C VAL B 79 21.34 -5.05 4.46
N CYS B 80 22.01 -4.41 3.51
CA CYS B 80 21.37 -4.07 2.25
C CYS B 80 21.88 -4.99 1.15
N ASN B 81 20.99 -5.36 0.24
CA ASN B 81 21.37 -6.23 -0.86
C ASN B 81 20.48 -5.96 -2.06
N SER B 82 20.76 -6.66 -3.15
CA SER B 82 19.94 -6.56 -4.35
C SER B 82 19.56 -7.96 -4.82
N LYS B 83 18.62 -8.02 -5.76
CA LYS B 83 18.27 -9.29 -6.38
C LYS B 83 17.87 -9.07 -7.84
N ASP B 84 18.51 -9.82 -8.73
CA ASP B 84 18.27 -9.69 -10.16
C ASP B 84 18.06 -11.06 -10.79
N GLY B 85 16.87 -11.30 -11.30
CA GLY B 85 16.54 -12.58 -11.90
C GLY B 85 16.49 -13.68 -10.86
N GLY B 86 16.13 -13.33 -9.64
CA GLY B 86 15.96 -14.29 -8.57
C GLY B 86 17.23 -14.59 -7.78
N ALA B 87 18.33 -13.96 -8.16
CA ALA B 87 19.62 -14.20 -7.53
C ALA B 87 20.09 -13.01 -6.70
N TRP B 88 20.44 -13.27 -5.44
CA TRP B 88 20.94 -12.23 -4.56
C TRP B 88 22.29 -11.69 -5.02
N GLY B 89 22.47 -10.38 -4.88
CA GLY B 89 23.74 -9.75 -5.15
C GLY B 89 24.64 -9.80 -3.92
N THR B 90 25.61 -8.90 -3.86
CA THR B 90 26.54 -8.87 -2.72
C THR B 90 26.02 -7.95 -1.62
N GLU B 91 25.91 -8.50 -0.41
CA GLU B 91 25.45 -7.74 0.74
C GLU B 91 26.33 -6.54 1.05
N GLN B 92 25.69 -5.41 1.34
CA GLN B 92 26.39 -4.23 1.83
C GLN B 92 25.96 -3.96 3.27
N ARG B 93 26.91 -3.64 4.13
CA ARG B 93 26.63 -3.47 5.55
C ARG B 93 27.01 -2.10 6.07
N GLU B 94 26.15 -1.51 6.89
CA GLU B 94 26.34 -0.17 7.41
C GLU B 94 26.86 -0.20 8.84
N ALA B 95 27.39 0.94 9.29
CA ALA B 95 27.97 1.04 10.62
C ALA B 95 26.93 1.31 11.70
N VAL B 96 26.15 2.38 11.52
CA VAL B 96 25.19 2.80 12.53
C VAL B 96 23.87 2.02 12.41
N PHE B 97 23.21 1.81 13.55
CA PHE B 97 21.95 1.07 13.61
C PHE B 97 20.93 1.87 14.43
N PRO B 98 20.22 2.80 13.77
CA PRO B 98 19.31 3.73 14.43
C PRO B 98 17.93 3.16 14.74
N PHE B 99 17.76 1.85 14.58
CA PHE B 99 16.45 1.23 14.82
C PHE B 99 16.35 0.59 16.20
N GLN B 100 15.18 0.71 16.81
CA GLN B 100 14.96 0.21 18.15
C GLN B 100 13.68 -0.62 18.21
N PRO B 101 13.75 -1.81 18.82
CA PRO B 101 12.60 -2.71 18.93
C PRO B 101 11.48 -2.12 19.78
N GLY B 102 10.24 -2.35 19.37
CA GLY B 102 9.09 -1.82 20.08
C GLY B 102 8.91 -0.33 19.89
N SER B 103 9.08 0.13 18.66
CA SER B 103 8.99 1.56 18.36
C SER B 103 8.46 1.81 16.96
N VAL B 104 8.18 3.07 16.66
CA VAL B 104 7.71 3.46 15.34
C VAL B 104 8.86 4.04 14.51
N ALA B 105 9.01 3.56 13.28
CA ALA B 105 10.08 4.01 12.41
C ALA B 105 9.56 4.47 11.05
N GLU B 106 9.87 5.71 10.68
CA GLU B 106 9.52 6.22 9.37
C GLU B 106 10.74 6.17 8.45
N VAL B 107 10.53 5.71 7.22
CA VAL B 107 11.60 5.63 6.23
C VAL B 107 11.19 6.29 4.92
N CYS B 108 12.05 7.16 4.42
CA CYS B 108 11.79 7.87 3.18
C CYS B 108 12.79 7.42 2.11
N ILE B 109 12.27 6.92 1.00
CA ILE B 109 13.12 6.26 0.00
C ILE B 109 13.00 6.88 -1.39
N THR B 110 14.15 7.11 -2.01
CA THR B 110 14.22 7.68 -3.34
C THR B 110 15.40 7.04 -4.09
N PHE B 111 15.55 7.33 -5.37
CA PHE B 111 16.64 6.74 -6.15
C PHE B 111 17.01 7.54 -7.39
N ASP B 112 18.29 7.49 -7.74
CA ASP B 112 18.79 8.07 -8.99
C ASP B 112 19.27 6.98 -9.94
N GLN B 113 19.96 7.40 -10.99
CA GLN B 113 20.57 6.46 -11.93
C GLN B 113 21.77 5.77 -11.28
N ALA B 114 22.23 6.34 -10.16
CA ALA B 114 23.43 5.84 -9.49
C ALA B 114 23.12 5.13 -8.16
N ASN B 115 22.30 5.76 -7.32
CA ASN B 115 22.09 5.24 -5.97
C ASN B 115 20.64 5.19 -5.51
N LEU B 116 20.35 4.21 -4.67
CA LEU B 116 19.14 4.20 -3.86
C LEU B 116 19.46 4.97 -2.59
N THR B 117 18.55 5.85 -2.17
CA THR B 117 18.79 6.62 -0.95
C THR B 117 17.70 6.35 0.07
N VAL B 118 18.12 5.95 1.27
CA VAL B 118 17.19 5.69 2.36
C VAL B 118 17.42 6.70 3.49
N LYS B 119 16.45 7.58 3.69
CA LYS B 119 16.57 8.63 4.69
C LYS B 119 15.74 8.31 5.93
N LEU B 120 16.23 8.76 7.07
CA LEU B 120 15.47 8.71 8.31
C LEU B 120 15.29 10.14 8.83
N PRO B 121 14.12 10.42 9.43
CA PRO B 121 13.81 11.76 9.95
C PRO B 121 14.84 12.26 10.96
N ASP B 122 15.41 11.33 11.73
CA ASP B 122 16.40 11.66 12.76
C ASP B 122 17.64 12.32 12.16
N GLY B 123 17.87 12.11 10.87
CA GLY B 123 19.01 12.69 10.19
C GLY B 123 19.89 11.64 9.53
N TYR B 124 19.59 10.36 9.79
CA TYR B 124 20.36 9.27 9.21
C TYR B 124 20.00 9.06 7.75
N GLU B 125 21.02 8.96 6.89
CA GLU B 125 20.81 8.75 5.47
C GLU B 125 21.70 7.64 4.95
N PHE B 126 21.08 6.61 4.37
CA PHE B 126 21.81 5.48 3.82
C PHE B 126 21.75 5.47 2.30
N LYS B 127 22.81 5.01 1.66
CA LYS B 127 22.82 4.91 0.21
C LYS B 127 23.18 3.49 -0.23
N PHE B 128 22.57 3.06 -1.32
CA PHE B 128 22.85 1.74 -1.88
C PHE B 128 22.88 1.86 -3.40
N PRO B 129 23.94 1.32 -4.03
CA PRO B 129 24.14 1.43 -5.47
C PRO B 129 22.96 0.86 -6.28
N ASN B 130 22.54 1.62 -7.30
CA ASN B 130 21.50 1.16 -8.20
C ASN B 130 22.03 0.10 -9.16
N ARG B 131 21.95 -1.15 -8.74
CA ARG B 131 22.49 -2.26 -9.52
C ARG B 131 21.57 -2.71 -10.66
N LEU B 132 20.28 -2.43 -10.52
CA LEU B 132 19.28 -2.92 -11.47
C LEU B 132 18.94 -1.90 -12.55
N ASN B 133 19.17 -0.62 -12.24
CA ASN B 133 18.92 0.47 -13.18
C ASN B 133 17.51 0.44 -13.76
N LEU B 134 16.52 0.27 -12.88
CA LEU B 134 15.14 0.19 -13.31
C LEU B 134 14.55 1.57 -13.60
N GLU B 135 13.58 1.61 -14.50
CA GLU B 135 12.94 2.86 -14.88
C GLU B 135 12.10 3.40 -13.73
N ALA B 136 11.58 2.48 -12.92
CA ALA B 136 10.73 2.87 -11.79
C ALA B 136 10.61 1.75 -10.76
N ILE B 137 10.23 2.12 -9.55
CA ILE B 137 9.91 1.16 -8.50
C ILE B 137 8.42 0.85 -8.52
N ASN B 138 8.07 -0.40 -8.83
CA ASN B 138 6.67 -0.80 -8.89
C ASN B 138 6.28 -1.80 -7.80
N TYR B 139 7.24 -2.16 -6.95
CA TYR B 139 7.00 -3.22 -5.98
C TYR B 139 7.51 -2.83 -4.59
N MET B 140 6.77 -3.26 -3.57
CA MET B 140 7.14 -3.02 -2.17
C MET B 140 6.59 -4.11 -1.26
N ALA B 141 7.45 -4.63 -0.39
CA ALA B 141 7.05 -5.69 0.54
C ALA B 141 7.73 -5.52 1.89
N ALA B 142 7.12 -6.09 2.93
CA ALA B 142 7.66 -6.01 4.28
C ALA B 142 7.62 -7.37 4.98
N ASP B 143 8.57 -8.23 4.63
CA ASP B 143 8.66 -9.58 5.19
C ASP B 143 9.42 -9.64 6.52
N GLY B 144 8.90 -9.00 7.55
CA GLY B 144 9.57 -9.00 8.84
C GLY B 144 8.75 -8.50 10.02
N ASP B 145 9.42 -8.29 11.15
CA ASP B 145 8.77 -7.78 12.35
C ASP B 145 8.48 -6.29 12.24
N PHE B 146 7.72 -5.92 11.22
CA PHE B 146 7.48 -4.52 10.91
C PHE B 146 6.09 -4.31 10.35
N LYS B 147 5.16 -3.90 11.21
CA LYS B 147 3.80 -3.64 10.80
C LYS B 147 3.66 -2.24 10.22
N ILE B 148 3.54 -2.16 8.89
CA ILE B 148 3.33 -0.90 8.21
C ILE B 148 1.99 -0.27 8.61
N LYS B 149 2.02 1.03 8.91
CA LYS B 149 0.80 1.71 9.33
C LYS B 149 0.32 2.77 8.33
N VAL B 151 1.57 4.40 4.13
CA VAL B 151 2.49 4.56 3.01
C VAL B 151 2.11 5.78 2.19
N ALA B 152 3.05 6.70 2.02
CA ALA B 152 2.79 7.91 1.26
C ALA B 152 3.63 7.95 -0.02
N PHE B 153 2.99 8.28 -1.13
CA PHE B 153 3.68 8.40 -2.41
C PHE B 153 3.77 9.86 -2.81
N ASP B 154 4.77 10.54 -2.29
CA ASP B 154 4.94 11.98 -2.52
C ASP B 154 6.23 12.25 -3.27
#